data_4X5L
#
_entry.id   4X5L
#
_cell.length_a   45.527
_cell.length_b   117.370
_cell.length_c   117.333
_cell.angle_alpha   90.00
_cell.angle_beta   90.00
_cell.angle_gamma   90.00
#
_symmetry.space_group_name_H-M   'P 2 2 2'
#
loop_
_entity.id
_entity.type
_entity.pdbx_description
1 polymer 'Down syndrome cell adhesion molecule, isoform AM'
2 non-polymer 'SODIUM ION'
3 water water
#
_entity_poly.entity_id   1
_entity_poly.type   'polypeptide(L)'
_entity_poly.pdbx_seq_one_letter_code
;GASGSVPPQVLPFSFGESAADVGDIASANCVVPKGDLPLEIRWSLNSAPIVNGENGFTLVRLNKRTSLLNIDSLNAFHRG
VYKCIATNPAGTSEYVAELQVN
;
_entity_poly.pdbx_strand_id   A,B,C,D
#
# COMPACT_ATOMS: atom_id res chain seq x y z
N VAL A 6 38.83 -11.67 3.88
CA VAL A 6 37.81 -12.10 2.87
C VAL A 6 36.68 -11.06 2.77
N PRO A 7 36.55 -10.42 1.59
CA PRO A 7 35.39 -9.55 1.40
C PRO A 7 34.11 -10.34 1.19
N PRO A 8 32.94 -9.68 1.28
CA PRO A 8 31.66 -10.39 1.16
C PRO A 8 31.29 -10.70 -0.29
N GLN A 9 30.34 -11.61 -0.47
CA GLN A 9 29.77 -11.90 -1.77
C GLN A 9 28.28 -12.16 -1.64
N VAL A 10 27.48 -11.23 -2.16
CA VAL A 10 26.03 -11.37 -2.10
C VAL A 10 25.53 -12.25 -3.23
N LEU A 11 24.90 -13.36 -2.88
CA LEU A 11 24.31 -14.26 -3.87
C LEU A 11 23.19 -13.55 -4.62
N PRO A 12 22.93 -13.98 -5.87
CA PRO A 12 21.81 -13.40 -6.61
C PRO A 12 20.49 -13.61 -5.87
N PHE A 13 19.56 -12.67 -5.99
CA PHE A 13 18.25 -12.81 -5.39
C PHE A 13 17.19 -12.18 -6.27
N SER A 14 15.96 -12.68 -6.16
CA SER A 14 14.84 -12.16 -6.92
C SER A 14 13.59 -12.16 -6.05
N PHE A 15 12.60 -11.37 -6.45
CA PHE A 15 11.30 -11.38 -5.79
C PHE A 15 10.46 -12.54 -6.28
N GLY A 16 11.03 -13.35 -7.17
CA GLY A 16 10.28 -14.41 -7.84
C GLY A 16 9.41 -13.82 -8.93
N GLU A 17 9.61 -12.54 -9.22
CA GLU A 17 8.80 -11.85 -10.21
C GLU A 17 9.38 -10.47 -10.48
N SER A 18 8.89 -9.83 -11.55
CA SER A 18 9.34 -8.49 -11.94
C SER A 18 8.21 -7.48 -11.80
N ALA A 19 6.99 -7.98 -11.59
CA ALA A 19 5.84 -7.10 -11.34
C ALA A 19 4.86 -7.79 -10.39
N ALA A 20 4.12 -6.98 -9.64
CA ALA A 20 3.14 -7.48 -8.68
C ALA A 20 2.01 -6.48 -8.50
N ASP A 21 0.81 -6.98 -8.22
CA ASP A 21 -0.36 -6.12 -8.08
C ASP A 21 -0.37 -5.38 -6.74
N VAL A 22 -1.08 -4.27 -6.71
CA VAL A 22 -1.25 -3.50 -5.48
C VAL A 22 -2.02 -4.33 -4.46
N GLY A 23 -1.59 -4.25 -3.20
CA GLY A 23 -2.23 -4.98 -2.13
C GLY A 23 -1.62 -6.34 -1.89
N ASP A 24 -0.82 -6.81 -2.85
CA ASP A 24 -0.15 -8.11 -2.71
C ASP A 24 1.15 -7.96 -1.94
N ILE A 25 1.70 -9.10 -1.53
CA ILE A 25 2.94 -9.14 -0.76
C ILE A 25 4.15 -9.38 -1.66
N ALA A 26 5.28 -8.80 -1.28
CA ALA A 26 6.54 -9.04 -1.96
C ALA A 26 7.61 -9.42 -0.95
N SER A 27 8.53 -10.29 -1.36
CA SER A 27 9.56 -10.78 -0.46
C SER A 27 10.85 -11.09 -1.21
N ALA A 28 11.97 -10.62 -0.66
CA ALA A 28 13.29 -10.86 -1.24
C ALA A 28 14.26 -11.26 -0.14
N ASN A 29 15.23 -12.09 -0.51
CA ASN A 29 16.17 -12.66 0.46
C ASN A 29 17.63 -12.42 0.06
N CYS A 30 18.32 -11.61 0.87
CA CYS A 30 19.74 -11.36 0.67
C CYS A 30 20.57 -12.32 1.52
N VAL A 31 21.43 -13.09 0.86
CA VAL A 31 22.25 -14.09 1.54
C VAL A 31 23.74 -13.83 1.29
N VAL A 32 24.52 -13.87 2.37
CA VAL A 32 25.96 -13.60 2.29
C VAL A 32 26.74 -14.74 2.94
N PRO A 33 26.80 -15.90 2.26
CA PRO A 33 27.37 -17.11 2.85
C PRO A 33 28.88 -17.06 3.03
N LYS A 34 29.53 -16.13 2.32
CA LYS A 34 30.98 -15.99 2.39
C LYS A 34 31.40 -14.54 2.54
N GLY A 35 32.41 -14.32 3.37
CA GLY A 35 32.88 -12.97 3.69
C GLY A 35 33.15 -12.86 5.18
N ASP A 36 34.22 -12.16 5.53
CA ASP A 36 34.60 -11.99 6.93
C ASP A 36 33.50 -11.29 7.73
N LEU A 37 33.35 -11.71 8.98
CA LEU A 37 32.44 -11.06 9.92
C LEU A 37 33.21 -10.00 10.71
N PRO A 38 32.51 -8.98 11.23
CA PRO A 38 31.06 -8.77 11.17
C PRO A 38 30.62 -8.18 9.83
N LEU A 39 29.34 -8.39 9.48
CA LEU A 39 28.80 -7.92 8.20
C LEU A 39 27.70 -6.88 8.39
N GLU A 40 27.80 -5.80 7.62
CA GLU A 40 26.76 -4.79 7.54
C GLU A 40 25.90 -5.05 6.30
N ILE A 41 24.60 -5.25 6.52
CA ILE A 41 23.68 -5.56 5.43
C ILE A 41 22.51 -4.56 5.42
N ARG A 42 22.40 -3.80 4.34
CA ARG A 42 21.42 -2.73 4.22
C ARG A 42 20.61 -2.85 2.94
N TRP A 43 19.35 -2.43 2.99
CA TRP A 43 18.45 -2.43 1.84
C TRP A 43 18.11 -1.01 1.40
N SER A 44 18.02 -0.81 0.09
CA SER A 44 17.65 0.48 -0.48
C SER A 44 16.70 0.31 -1.66
N LEU A 45 15.83 1.31 -1.83
CA LEU A 45 14.94 1.37 -2.98
C LEU A 45 15.21 2.65 -3.76
N ASN A 46 15.71 2.50 -4.99
CA ASN A 46 16.09 3.63 -5.82
C ASN A 46 17.13 4.50 -5.12
N SER A 47 18.19 3.87 -4.65
CA SER A 47 19.32 4.56 -4.02
C SER A 47 18.93 5.32 -2.76
N ALA A 48 17.78 4.98 -2.20
CA ALA A 48 17.34 5.55 -0.92
C ALA A 48 17.20 4.42 0.11
N PRO A 49 17.74 4.62 1.33
CA PRO A 49 17.75 3.51 2.29
C PRO A 49 16.36 3.03 2.70
N ILE A 50 16.24 1.74 2.98
CA ILE A 50 15.01 1.16 3.50
C ILE A 50 15.17 0.92 5.00
N VAL A 51 14.20 1.36 5.78
CA VAL A 51 14.26 1.25 7.23
C VAL A 51 13.13 0.35 7.73
N ASN A 52 13.46 -0.52 8.69
CA ASN A 52 12.46 -1.36 9.31
C ASN A 52 11.39 -0.54 10.03
N GLY A 53 10.17 -0.57 9.48
CA GLY A 53 9.04 0.10 10.10
C GLY A 53 8.61 1.36 9.39
N GLU A 54 9.03 1.52 8.13
CA GLU A 54 8.64 2.69 7.33
C GLU A 54 8.22 2.29 5.92
N ASN A 55 7.34 3.09 5.32
CA ASN A 55 6.95 2.93 3.92
C ASN A 55 6.45 1.53 3.59
N GLY A 56 5.96 0.82 4.60
CA GLY A 56 5.39 -0.50 4.40
C GLY A 56 6.42 -1.60 4.30
N PHE A 57 7.64 -1.34 4.79
CA PHE A 57 8.72 -2.31 4.73
C PHE A 57 8.90 -3.08 6.05
N THR A 58 9.56 -4.22 5.96
CA THR A 58 9.83 -5.07 7.12
C THR A 58 11.15 -5.81 6.95
N LEU A 59 12.19 -5.33 7.61
CA LEU A 59 13.51 -5.94 7.52
C LEU A 59 13.75 -6.90 8.69
N VAL A 60 14.36 -8.05 8.40
CA VAL A 60 14.53 -9.09 9.41
C VAL A 60 15.88 -9.78 9.26
N ARG A 61 16.85 -9.33 10.05
CA ARG A 61 18.15 -9.98 10.13
C ARG A 61 17.98 -11.33 10.83
N LEU A 62 17.47 -12.30 10.08
CA LEU A 62 17.22 -13.63 10.61
C LEU A 62 18.53 -14.35 10.93
N ASN A 63 19.62 -13.85 10.37
CA ASN A 63 20.94 -14.43 10.57
C ASN A 63 22.02 -13.36 10.40
N LYS A 64 23.24 -13.66 10.84
CA LYS A 64 24.36 -12.76 10.64
C LYS A 64 24.76 -12.69 9.17
N ARG A 65 24.29 -13.65 8.39
CA ARG A 65 24.61 -13.74 6.97
C ARG A 65 23.37 -13.66 6.10
N THR A 66 22.23 -13.36 6.71
CA THR A 66 20.97 -13.26 5.98
C THR A 66 20.16 -12.03 6.38
N SER A 67 19.53 -11.42 5.38
CA SER A 67 18.65 -10.28 5.60
C SER A 67 17.45 -10.35 4.68
N LEU A 68 16.30 -10.77 5.21
CA LEU A 68 15.08 -10.83 4.43
C LEU A 68 14.36 -9.49 4.45
N LEU A 69 13.89 -9.06 3.28
CA LEU A 69 13.03 -7.89 3.17
C LEU A 69 11.63 -8.36 2.80
N ASN A 70 10.64 -7.77 3.44
CA ASN A 70 9.25 -8.12 3.17
C ASN A 70 8.37 -6.89 2.99
N ILE A 71 7.34 -7.05 2.17
CA ILE A 71 6.32 -6.01 1.98
C ILE A 71 4.95 -6.68 2.08
N ASP A 72 4.10 -6.18 2.96
CA ASP A 72 2.83 -6.83 3.27
C ASP A 72 1.67 -6.27 2.44
N SER A 73 1.83 -5.06 1.93
CA SER A 73 0.81 -4.43 1.11
C SER A 73 1.44 -3.47 0.11
N LEU A 74 1.76 -4.00 -1.07
CA LEU A 74 2.42 -3.22 -2.11
C LEU A 74 1.59 -2.03 -2.58
N ASN A 75 2.28 -0.94 -2.91
CA ASN A 75 1.65 0.22 -3.52
C ASN A 75 2.64 0.92 -4.44
N ALA A 76 2.21 2.03 -5.04
CA ALA A 76 2.95 2.67 -6.13
C ALA A 76 4.32 3.23 -5.74
N PHE A 77 4.72 3.05 -4.48
CA PHE A 77 6.01 3.57 -4.01
C PHE A 77 7.00 2.46 -3.72
N HIS A 78 6.60 1.23 -3.97
CA HIS A 78 7.49 0.07 -3.83
C HIS A 78 8.05 -0.35 -5.18
N ARG A 79 7.56 0.28 -6.25
CA ARG A 79 8.06 -0.01 -7.59
C ARG A 79 9.43 0.62 -7.78
N GLY A 80 10.35 -0.14 -8.38
CA GLY A 80 11.68 0.37 -8.68
C GLY A 80 12.77 -0.66 -8.51
N VAL A 81 13.96 -0.18 -8.16
CA VAL A 81 15.15 -1.01 -8.06
C VAL A 81 15.51 -1.29 -6.60
N TYR A 82 15.60 -2.58 -6.26
CA TYR A 82 15.96 -3.01 -4.91
C TYR A 82 17.39 -3.52 -4.87
N LYS A 83 18.14 -3.08 -3.86
CA LYS A 83 19.55 -3.43 -3.73
C LYS A 83 19.87 -3.87 -2.31
N CYS A 84 20.76 -4.86 -2.18
CA CYS A 84 21.21 -5.36 -0.90
C CYS A 84 22.74 -5.33 -0.84
N ILE A 85 23.29 -4.46 0.00
CA ILE A 85 24.73 -4.24 0.06
C ILE A 85 25.34 -4.83 1.33
N ALA A 86 26.32 -5.72 1.15
CA ALA A 86 27.07 -6.27 2.27
C ALA A 86 28.38 -5.50 2.43
N THR A 87 28.82 -5.30 3.67
CA THR A 87 30.05 -4.56 3.95
C THR A 87 30.81 -5.11 5.15
N ASN A 88 32.11 -5.28 4.97
CA ASN A 88 33.02 -5.65 6.06
C ASN A 88 34.30 -4.84 5.89
N PRO A 89 35.26 -4.93 6.83
CA PRO A 89 36.48 -4.16 6.60
C PRO A 89 37.31 -4.67 5.42
N ALA A 90 36.93 -5.81 4.84
CA ALA A 90 37.67 -6.38 3.72
C ALA A 90 37.13 -5.89 2.37
N GLY A 91 35.93 -5.32 2.38
CA GLY A 91 35.33 -4.79 1.16
C GLY A 91 33.82 -4.84 1.18
N THR A 92 33.21 -4.51 0.04
CA THR A 92 31.75 -4.52 -0.10
C THR A 92 31.29 -5.46 -1.21
N SER A 93 30.00 -5.76 -1.21
CA SER A 93 29.39 -6.57 -2.26
C SER A 93 27.90 -6.28 -2.32
N GLU A 94 27.31 -6.38 -3.51
CA GLU A 94 25.91 -6.06 -3.68
C GLU A 94 25.25 -6.91 -4.75
N TYR A 95 23.92 -6.85 -4.80
CA TYR A 95 23.16 -7.41 -5.90
C TYR A 95 21.88 -6.62 -6.07
N VAL A 96 21.39 -6.54 -7.31
CA VAL A 96 20.26 -5.69 -7.63
C VAL A 96 19.09 -6.49 -8.22
N ALA A 97 17.88 -6.07 -7.84
CA ALA A 97 16.66 -6.62 -8.41
C ALA A 97 15.73 -5.48 -8.78
N GLU A 98 14.65 -5.80 -9.48
CA GLU A 98 13.71 -4.76 -9.92
C GLU A 98 12.26 -5.25 -9.79
N LEU A 99 11.35 -4.31 -9.55
CA LEU A 99 9.97 -4.65 -9.26
C LEU A 99 9.06 -3.48 -9.62
N GLN A 100 7.93 -3.77 -10.26
CA GLN A 100 6.94 -2.76 -10.61
C GLN A 100 5.56 -3.13 -10.06
N VAL A 101 4.68 -2.14 -9.96
CA VAL A 101 3.31 -2.39 -9.51
C VAL A 101 2.32 -1.52 -10.30
N VAL B 6 -25.55 -5.35 31.07
CA VAL B 6 -25.81 -4.28 30.06
C VAL B 6 -25.02 -4.56 28.78
N PRO B 7 -25.60 -4.20 27.61
CA PRO B 7 -24.91 -4.39 26.34
C PRO B 7 -23.76 -3.40 26.17
N PRO B 8 -22.89 -3.63 25.18
CA PRO B 8 -21.77 -2.70 25.00
C PRO B 8 -22.23 -1.40 24.36
N GLN B 9 -21.39 -0.37 24.41
CA GLN B 9 -21.64 0.83 23.64
C GLN B 9 -20.32 1.41 23.14
N VAL B 10 -20.08 1.25 21.85
CA VAL B 10 -18.85 1.71 21.22
C VAL B 10 -18.79 3.23 21.20
N LEU B 11 -17.67 3.77 21.66
CA LEU B 11 -17.46 5.22 21.62
C LEU B 11 -17.18 5.67 20.19
N PRO B 12 -17.61 6.89 19.84
CA PRO B 12 -17.31 7.40 18.50
C PRO B 12 -15.82 7.46 18.23
N PHE B 13 -15.38 7.01 17.05
CA PHE B 13 -13.98 7.02 16.70
C PHE B 13 -13.74 7.63 15.32
N SER B 14 -12.46 7.77 14.97
CA SER B 14 -12.09 8.40 13.71
C SER B 14 -10.64 8.11 13.38
N PHE B 15 -10.31 8.20 12.09
CA PHE B 15 -8.92 8.11 11.66
C PHE B 15 -8.21 9.44 11.84
N GLY B 16 -8.95 10.44 12.31
CA GLY B 16 -8.43 11.79 12.43
C GLY B 16 -8.46 12.52 11.10
N GLU B 17 -8.99 11.84 10.09
CA GLU B 17 -9.03 12.39 8.74
C GLU B 17 -10.01 11.61 7.87
N SER B 18 -10.71 12.32 6.98
CA SER B 18 -11.65 11.69 6.07
C SER B 18 -10.92 11.16 4.84
N ALA B 19 -9.80 11.79 4.51
CA ALA B 19 -8.97 11.39 3.38
C ALA B 19 -7.53 11.20 3.80
N ALA B 20 -6.82 10.34 3.08
CA ALA B 20 -5.41 10.09 3.34
C ALA B 20 -4.69 9.86 2.01
N ASP B 21 -3.36 9.94 2.03
CA ASP B 21 -2.56 9.72 0.84
C ASP B 21 -2.06 8.29 0.77
N VAL B 22 -1.74 7.83 -0.43
CA VAL B 22 -1.21 6.49 -0.63
C VAL B 22 0.15 6.37 0.02
N GLY B 23 0.42 5.21 0.63
CA GLY B 23 1.70 4.96 1.27
C GLY B 23 1.74 5.43 2.71
N ASP B 24 0.90 6.41 3.05
CA ASP B 24 0.86 6.95 4.41
C ASP B 24 0.25 5.96 5.38
N ILE B 25 0.31 6.29 6.66
CA ILE B 25 -0.27 5.45 7.70
C ILE B 25 -1.69 5.89 8.04
N ALA B 26 -2.45 4.99 8.63
CA ALA B 26 -3.77 5.30 9.15
C ALA B 26 -4.00 4.50 10.43
N SER B 27 -4.58 5.16 11.43
CA SER B 27 -4.83 4.50 12.71
C SER B 27 -6.19 4.87 13.27
N ALA B 28 -6.93 3.87 13.74
CA ALA B 28 -8.25 4.08 14.34
C ALA B 28 -8.38 3.26 15.60
N ASN B 29 -9.04 3.84 16.61
CA ASN B 29 -9.15 3.21 17.92
C ASN B 29 -10.61 3.01 18.32
N CYS B 30 -10.96 1.78 18.64
CA CYS B 30 -12.33 1.44 19.07
C CYS B 30 -12.36 1.14 20.57
N VAL B 31 -13.01 2.02 21.32
CA VAL B 31 -13.11 1.87 22.77
C VAL B 31 -14.55 1.53 23.17
N VAL B 32 -14.69 0.46 23.96
CA VAL B 32 -15.99 0.02 24.45
C VAL B 32 -15.98 0.02 25.97
N PRO B 33 -16.08 1.22 26.58
CA PRO B 33 -15.91 1.35 28.03
C PRO B 33 -17.04 0.70 28.82
N LYS B 34 -18.27 0.91 28.36
CA LYS B 34 -19.45 0.33 29.01
C LYS B 34 -19.91 -0.89 28.23
N GLY B 35 -20.04 -2.02 28.93
CA GLY B 35 -20.48 -3.25 28.29
C GLY B 35 -20.10 -4.48 29.10
N ASP B 36 -21.03 -5.42 29.23
CA ASP B 36 -20.77 -6.66 29.95
C ASP B 36 -19.69 -7.48 29.25
N LEU B 37 -18.70 -7.91 30.01
CA LEU B 37 -17.67 -8.80 29.50
C LEU B 37 -18.16 -10.24 29.57
N PRO B 38 -17.65 -11.13 28.70
CA PRO B 38 -16.59 -10.87 27.71
C PRO B 38 -17.08 -10.14 26.47
N LEU B 39 -16.18 -9.40 25.82
CA LEU B 39 -16.50 -8.68 24.59
C LEU B 39 -15.78 -9.30 23.40
N GLU B 40 -16.41 -9.21 22.23
CA GLU B 40 -15.79 -9.61 20.97
C GLU B 40 -15.74 -8.41 20.03
N ILE B 41 -14.58 -7.77 19.97
CA ILE B 41 -14.40 -6.59 19.13
C ILE B 41 -13.91 -7.00 17.75
N ARG B 42 -14.71 -6.70 16.73
CA ARG B 42 -14.40 -7.07 15.35
C ARG B 42 -14.44 -5.87 14.43
N TRP B 43 -13.55 -5.86 13.44
CA TRP B 43 -13.48 -4.78 12.46
C TRP B 43 -13.97 -5.27 11.10
N SER B 44 -14.46 -4.34 10.28
CA SER B 44 -14.91 -4.66 8.93
C SER B 44 -14.71 -3.47 7.99
N LEU B 45 -14.27 -3.76 6.77
CA LEU B 45 -14.13 -2.74 5.74
C LEU B 45 -15.11 -3.02 4.61
N ASN B 46 -16.06 -2.10 4.42
CA ASN B 46 -17.11 -2.27 3.41
C ASN B 46 -17.85 -3.59 3.60
N SER B 47 -18.28 -3.84 4.82
CA SER B 47 -19.03 -5.05 5.19
C SER B 47 -18.20 -6.32 4.99
N ALA B 48 -16.89 -6.17 4.83
CA ALA B 48 -15.98 -7.31 4.73
C ALA B 48 -15.10 -7.36 5.97
N PRO B 49 -15.01 -8.53 6.64
CA PRO B 49 -14.23 -8.64 7.88
C PRO B 49 -12.77 -8.23 7.74
N ILE B 50 -12.13 -7.95 8.87
CA ILE B 50 -10.71 -7.60 8.89
C ILE B 50 -9.93 -8.58 9.77
N VAL B 51 -8.77 -9.01 9.28
CA VAL B 51 -7.91 -9.92 10.03
C VAL B 51 -6.52 -9.30 10.16
N ASN B 52 -5.84 -9.60 11.26
CA ASN B 52 -4.49 -9.13 11.48
C ASN B 52 -3.47 -9.91 10.65
N GLY B 53 -2.52 -9.18 10.07
CA GLY B 53 -1.48 -9.79 9.25
C GLY B 53 -1.91 -10.07 7.82
N GLU B 54 -3.00 -9.43 7.40
CA GLU B 54 -3.53 -9.59 6.06
C GLU B 54 -3.94 -8.24 5.46
N ASN B 55 -3.61 -8.04 4.19
CA ASN B 55 -3.99 -6.83 3.46
C ASN B 55 -3.47 -5.55 4.12
N GLY B 56 -2.26 -5.63 4.65
CA GLY B 56 -1.61 -4.45 5.22
C GLY B 56 -2.25 -3.96 6.50
N PHE B 57 -3.14 -4.75 7.08
CA PHE B 57 -3.80 -4.39 8.33
C PHE B 57 -2.99 -4.81 9.54
N THR B 58 -3.13 -4.06 10.63
CA THR B 58 -2.53 -4.44 11.91
C THR B 58 -3.57 -4.23 13.01
N LEU B 59 -4.03 -5.33 13.60
CA LEU B 59 -5.07 -5.28 14.62
C LEU B 59 -4.54 -5.73 15.98
N VAL B 60 -4.48 -4.79 16.92
CA VAL B 60 -4.01 -5.06 18.27
C VAL B 60 -5.11 -4.82 19.30
N ARG B 61 -5.52 -5.89 19.97
CA ARG B 61 -6.43 -5.77 21.10
C ARG B 61 -5.62 -5.53 22.36
N LEU B 62 -5.18 -4.29 22.55
CA LEU B 62 -4.25 -3.93 23.62
C LEU B 62 -4.91 -4.00 25.00
N ASN B 63 -6.23 -4.01 25.01
CA ASN B 63 -6.99 -4.08 26.26
C ASN B 63 -8.30 -4.81 26.03
N LYS B 64 -8.85 -5.41 27.09
CA LYS B 64 -10.07 -6.22 26.96
C LYS B 64 -11.27 -5.41 26.48
N ARG B 65 -11.13 -4.09 26.45
CA ARG B 65 -12.19 -3.20 25.98
C ARG B 65 -11.70 -2.27 24.88
N THR B 66 -10.50 -2.53 24.36
CA THR B 66 -9.90 -1.68 23.34
C THR B 66 -9.39 -2.51 22.16
N SER B 67 -9.51 -1.93 20.97
CA SER B 67 -8.96 -2.54 19.76
C SER B 67 -8.55 -1.45 18.78
N LEU B 68 -7.25 -1.39 18.48
CA LEU B 68 -6.71 -0.39 17.57
C LEU B 68 -6.44 -0.99 16.20
N LEU B 69 -6.94 -0.31 15.16
CA LEU B 69 -6.66 -0.68 13.79
C LEU B 69 -5.54 0.20 13.25
N ASN B 70 -4.42 -0.42 12.87
CA ASN B 70 -3.27 0.31 12.33
C ASN B 70 -2.95 -0.17 10.93
N ILE B 71 -2.90 0.78 9.99
CA ILE B 71 -2.56 0.49 8.60
C ILE B 71 -1.20 1.12 8.30
N ASP B 72 -0.17 0.28 8.20
CA ASP B 72 1.20 0.75 8.05
C ASP B 72 1.46 1.43 6.70
N SER B 73 0.76 0.98 5.66
CA SER B 73 0.97 1.51 4.32
C SER B 73 -0.34 1.49 3.53
N LEU B 74 -0.85 2.67 3.21
CA LEU B 74 -2.15 2.81 2.56
C LEU B 74 -2.09 2.60 1.05
N ASN B 75 -3.11 1.92 0.53
CA ASN B 75 -3.33 1.84 -0.92
C ASN B 75 -4.83 1.90 -1.21
N ALA B 76 -5.20 1.77 -2.47
CA ALA B 76 -6.57 1.99 -2.91
C ALA B 76 -7.57 1.00 -2.31
N PHE B 77 -7.09 -0.19 -1.92
CA PHE B 77 -7.97 -1.22 -1.36
C PHE B 77 -8.46 -0.83 0.04
N HIS B 78 -7.67 -0.02 0.73
CA HIS B 78 -8.04 0.44 2.08
C HIS B 78 -9.10 1.54 2.03
N ARG B 79 -9.65 1.77 0.85
CA ARG B 79 -10.72 2.75 0.65
C ARG B 79 -12.07 2.20 1.08
N GLY B 80 -12.87 3.04 1.71
CA GLY B 80 -14.25 2.69 2.01
C GLY B 80 -14.70 3.00 3.43
N VAL B 81 -15.67 2.21 3.90
CA VAL B 81 -16.30 2.42 5.20
C VAL B 81 -15.80 1.40 6.22
N TYR B 82 -15.28 1.90 7.34
CA TYR B 82 -14.83 1.06 8.44
C TYR B 82 -15.90 0.99 9.52
N LYS B 83 -16.07 -0.19 10.10
CA LYS B 83 -17.06 -0.40 11.16
C LYS B 83 -16.49 -1.28 12.26
N CYS B 84 -16.42 -0.72 13.47
CA CYS B 84 -16.02 -1.49 14.65
C CYS B 84 -17.26 -2.02 15.34
N ILE B 85 -17.31 -3.35 15.55
CA ILE B 85 -18.46 -3.98 16.19
C ILE B 85 -18.07 -4.63 17.51
N ALA B 86 -18.83 -4.31 18.56
CA ALA B 86 -18.62 -4.88 19.89
C ALA B 86 -19.83 -5.70 20.31
N THR B 87 -19.59 -6.97 20.63
CA THR B 87 -20.66 -7.91 20.96
C THR B 87 -20.42 -8.63 22.28
N ASN B 88 -21.48 -8.74 23.08
CA ASN B 88 -21.50 -9.61 24.24
C ASN B 88 -22.81 -10.40 24.19
N PRO B 89 -22.97 -11.40 25.09
CA PRO B 89 -24.26 -12.10 25.06
C PRO B 89 -25.45 -11.20 25.40
N ALA B 90 -25.18 -10.05 26.00
CA ALA B 90 -26.23 -9.11 26.37
C ALA B 90 -26.70 -8.28 25.17
N GLY B 91 -25.84 -8.12 24.16
CA GLY B 91 -26.19 -7.38 22.98
C GLY B 91 -25.01 -7.00 22.12
N THR B 92 -25.23 -6.04 21.21
CA THR B 92 -24.19 -5.60 20.29
C THR B 92 -24.13 -4.07 20.22
N SER B 93 -23.03 -3.54 19.70
CA SER B 93 -22.89 -2.12 19.46
C SER B 93 -21.85 -1.87 18.37
N GLU B 94 -21.95 -0.72 17.71
CA GLU B 94 -21.04 -0.41 16.61
C GLU B 94 -20.93 1.08 16.36
N TYR B 95 -19.84 1.47 15.69
CA TYR B 95 -19.70 2.82 15.18
C TYR B 95 -18.97 2.79 13.85
N VAL B 96 -19.23 3.78 13.00
CA VAL B 96 -18.72 3.79 11.64
C VAL B 96 -17.80 4.99 11.37
N ALA B 97 -16.78 4.76 10.55
CA ALA B 97 -15.88 5.81 10.11
C ALA B 97 -15.45 5.55 8.68
N GLU B 98 -15.47 6.59 7.84
CA GLU B 98 -15.17 6.46 6.43
C GLU B 98 -13.83 7.09 6.08
N LEU B 99 -13.05 6.41 5.26
CA LEU B 99 -11.71 6.85 4.88
C LEU B 99 -11.55 6.83 3.36
N GLN B 100 -10.99 7.91 2.82
CA GLN B 100 -10.66 8.01 1.39
C GLN B 100 -9.15 7.93 1.18
N VAL B 101 -8.75 7.42 0.02
CA VAL B 101 -7.33 7.29 -0.31
C VAL B 101 -7.10 7.65 -1.78
N VAL C 6 -1.36 -2.95 -24.76
CA VAL C 6 -0.72 -3.28 -23.46
C VAL C 6 0.80 -3.20 -23.56
N PRO C 7 1.46 -2.58 -22.57
CA PRO C 7 2.94 -2.50 -22.59
C PRO C 7 3.59 -3.86 -22.36
N PRO C 8 4.91 -3.94 -22.58
CA PRO C 8 5.64 -5.20 -22.39
C PRO C 8 6.04 -5.41 -20.94
N GLN C 9 6.59 -6.57 -20.63
CA GLN C 9 7.21 -6.80 -19.34
C GLN C 9 8.33 -7.82 -19.44
N VAL C 10 9.53 -7.41 -19.02
CA VAL C 10 10.67 -8.30 -19.00
C VAL C 10 10.57 -9.24 -17.80
N LEU C 11 10.84 -10.51 -18.02
CA LEU C 11 10.83 -11.49 -16.95
C LEU C 11 12.14 -11.44 -16.17
N PRO C 12 12.10 -11.78 -14.87
CA PRO C 12 13.34 -11.88 -14.08
C PRO C 12 14.36 -12.83 -14.71
N PHE C 13 15.52 -12.29 -15.07
CA PHE C 13 16.61 -13.12 -15.61
C PHE C 13 17.84 -13.01 -14.73
N SER C 14 18.69 -14.02 -14.80
CA SER C 14 19.93 -14.05 -14.04
C SER C 14 21.00 -14.77 -14.84
N PHE C 15 22.26 -14.46 -14.55
CA PHE C 15 23.38 -15.18 -15.13
C PHE C 15 23.59 -16.52 -14.42
N GLY C 16 22.72 -16.82 -13.46
CA GLY C 16 22.86 -18.00 -12.64
C GLY C 16 23.92 -17.80 -11.58
N GLU C 17 24.44 -16.58 -11.50
CA GLU C 17 25.51 -16.25 -10.57
C GLU C 17 25.74 -14.74 -10.53
N SER C 18 26.44 -14.29 -9.49
CA SER C 18 26.76 -12.87 -9.33
C SER C 18 28.25 -12.64 -9.58
N ALA C 19 29.04 -13.71 -9.49
CA ALA C 19 30.48 -13.64 -9.70
C ALA C 19 30.95 -14.79 -10.60
N ALA C 20 31.77 -14.45 -11.59
CA ALA C 20 32.37 -15.43 -12.48
C ALA C 20 33.87 -15.19 -12.57
N ASP C 21 34.60 -16.13 -13.14
CA ASP C 21 36.04 -15.98 -13.30
C ASP C 21 36.38 -15.48 -14.71
N VAL C 22 37.58 -14.93 -14.84
CA VAL C 22 38.07 -14.49 -16.15
C VAL C 22 38.34 -15.71 -17.01
N GLY C 23 37.90 -15.65 -18.27
CA GLY C 23 38.08 -16.75 -19.19
C GLY C 23 36.85 -17.65 -19.25
N ASP C 24 36.10 -17.69 -18.15
CA ASP C 24 34.88 -18.50 -18.10
C ASP C 24 33.77 -17.87 -18.93
N ILE C 25 32.73 -18.66 -19.17
CA ILE C 25 31.62 -18.24 -20.01
C ILE C 25 30.47 -17.68 -19.16
N ALA C 26 29.73 -16.74 -19.73
CA ALA C 26 28.56 -16.18 -19.05
C ALA C 26 27.42 -16.00 -20.04
N SER C 27 26.20 -16.30 -19.58
CA SER C 27 25.02 -16.19 -20.42
C SER C 27 23.82 -15.71 -19.63
N ALA C 28 22.99 -14.88 -20.26
CA ALA C 28 21.76 -14.39 -19.67
C ALA C 28 20.66 -14.33 -20.73
N ASN C 29 19.41 -14.43 -20.28
CA ASN C 29 18.29 -14.58 -21.19
C ASN C 29 17.11 -13.66 -20.86
N CYS C 30 16.91 -12.64 -21.68
CA CYS C 30 15.78 -11.73 -21.52
C CYS C 30 14.55 -12.31 -22.21
N VAL C 31 13.41 -12.27 -21.52
CA VAL C 31 12.17 -12.87 -22.01
C VAL C 31 11.00 -11.92 -21.78
N VAL C 32 10.18 -11.73 -22.81
CA VAL C 32 9.10 -10.75 -22.77
C VAL C 32 7.81 -11.34 -23.35
N PRO C 33 7.18 -12.26 -22.60
CA PRO C 33 6.02 -13.02 -23.10
C PRO C 33 4.75 -12.19 -23.27
N LYS C 34 4.66 -11.06 -22.57
CA LYS C 34 3.47 -10.21 -22.63
C LYS C 34 3.79 -8.88 -23.29
N GLY C 35 2.76 -8.21 -23.80
CA GLY C 35 2.90 -6.90 -24.42
C GLY C 35 2.61 -6.94 -25.91
N ASP C 36 2.13 -5.82 -26.44
CA ASP C 36 1.85 -5.70 -27.86
C ASP C 36 3.12 -5.80 -28.69
N LEU C 37 2.98 -6.31 -29.91
CA LEU C 37 4.05 -6.25 -30.90
C LEU C 37 3.87 -5.00 -31.74
N PRO C 38 4.96 -4.49 -32.35
CA PRO C 38 6.31 -5.05 -32.38
C PRO C 38 7.11 -4.75 -31.12
N LEU C 39 8.17 -5.53 -30.89
CA LEU C 39 9.00 -5.38 -29.70
C LEU C 39 10.47 -5.11 -30.05
N GLU C 40 11.04 -4.12 -29.39
CA GLU C 40 12.47 -3.84 -29.47
C GLU C 40 13.14 -4.30 -28.19
N ILE C 41 14.02 -5.29 -28.29
CA ILE C 41 14.71 -5.83 -27.11
C ILE C 41 16.18 -5.44 -27.14
N ARG C 42 16.50 -4.38 -26.41
CA ARG C 42 17.83 -3.81 -26.37
C ARG C 42 18.55 -4.17 -25.07
N TRP C 43 19.82 -4.52 -25.19
CA TRP C 43 20.66 -4.79 -24.02
C TRP C 43 21.62 -3.65 -23.77
N SER C 44 22.06 -3.51 -22.52
CA SER C 44 23.03 -2.50 -22.14
C SER C 44 23.93 -3.01 -21.03
N LEU C 45 25.12 -2.44 -20.92
CA LEU C 45 26.04 -2.76 -19.84
C LEU C 45 26.57 -1.47 -19.23
N ASN C 46 26.09 -1.17 -18.03
CA ASN C 46 26.42 0.09 -17.35
C ASN C 46 26.01 1.29 -18.20
N SER C 47 24.76 1.26 -18.66
CA SER C 47 24.16 2.37 -19.42
C SER C 47 24.84 2.59 -20.77
N ALA C 48 25.55 1.58 -21.26
CA ALA C 48 26.15 1.61 -22.59
C ALA C 48 25.55 0.51 -23.45
N PRO C 49 24.98 0.86 -24.62
CA PRO C 49 24.39 -0.16 -25.50
C PRO C 49 25.36 -1.27 -25.88
N ILE C 50 24.88 -2.51 -25.85
CA ILE C 50 25.67 -3.66 -26.28
C ILE C 50 25.43 -3.92 -27.76
N VAL C 51 26.51 -4.13 -28.50
CA VAL C 51 26.43 -4.40 -29.93
C VAL C 51 26.83 -5.84 -30.23
N ASN C 52 25.93 -6.57 -30.87
CA ASN C 52 26.20 -7.95 -31.27
C ASN C 52 27.41 -8.02 -32.19
N GLY C 53 28.39 -8.85 -31.83
CA GLY C 53 29.58 -9.02 -32.65
C GLY C 53 30.75 -8.12 -32.23
N GLU C 54 30.52 -7.31 -31.20
CA GLU C 54 31.55 -6.41 -30.65
C GLU C 54 31.78 -6.66 -29.17
N ASN C 55 33.04 -6.51 -28.75
CA ASN C 55 33.43 -6.62 -27.35
C ASN C 55 33.08 -7.97 -26.73
N GLY C 56 33.35 -9.04 -27.47
CA GLY C 56 33.16 -10.39 -26.97
C GLY C 56 31.71 -10.76 -26.73
N PHE C 57 30.79 -9.88 -27.13
CA PHE C 57 29.37 -10.13 -26.94
C PHE C 57 28.78 -10.91 -28.11
N THR C 58 27.71 -11.66 -27.82
CA THR C 58 26.96 -12.37 -28.83
C THR C 58 25.47 -12.25 -28.51
N LEU C 59 24.78 -11.37 -29.23
CA LEU C 59 23.37 -11.11 -28.98
C LEU C 59 22.52 -11.88 -29.98
N VAL C 60 21.59 -12.67 -29.46
CA VAL C 60 20.87 -13.65 -30.25
C VAL C 60 19.37 -13.52 -30.10
N ARG C 61 18.73 -12.94 -31.12
CA ARG C 61 17.29 -12.75 -31.14
C ARG C 61 16.60 -13.99 -31.71
N LEU C 62 16.59 -15.07 -30.93
CA LEU C 62 16.11 -16.36 -31.41
C LEU C 62 14.59 -16.45 -31.45
N ASN C 63 13.93 -15.32 -31.15
CA ASN C 63 12.48 -15.25 -31.19
C ASN C 63 12.04 -13.79 -31.09
N LYS C 64 10.79 -13.50 -31.43
CA LYS C 64 10.29 -12.13 -31.45
C LYS C 64 10.11 -11.54 -30.05
N ARG C 65 10.25 -12.39 -29.03
CA ARG C 65 10.10 -11.94 -27.64
C ARG C 65 11.28 -12.40 -26.78
N THR C 66 12.26 -13.06 -27.38
CA THR C 66 13.42 -13.58 -26.68
C THR C 66 14.69 -12.89 -27.17
N SER C 67 15.70 -12.85 -26.31
CA SER C 67 17.00 -12.29 -26.66
C SER C 67 18.07 -12.74 -25.67
N LEU C 68 18.92 -13.68 -26.09
CA LEU C 68 19.96 -14.19 -25.21
C LEU C 68 21.26 -13.41 -25.35
N LEU C 69 21.88 -13.14 -24.20
CA LEU C 69 23.21 -12.54 -24.15
C LEU C 69 24.23 -13.62 -23.85
N ASN C 70 25.27 -13.72 -24.67
CA ASN C 70 26.32 -14.71 -24.47
C ASN C 70 27.70 -14.08 -24.50
N ILE C 71 28.59 -14.61 -23.68
CA ILE C 71 29.98 -14.17 -23.62
C ILE C 71 30.89 -15.39 -23.61
N ASP C 72 31.57 -15.62 -24.74
CA ASP C 72 32.42 -16.79 -24.91
C ASP C 72 33.61 -16.77 -23.95
N SER C 73 34.07 -15.58 -23.61
CA SER C 73 35.16 -15.44 -22.65
C SER C 73 35.05 -14.11 -21.91
N LEU C 74 35.06 -14.17 -20.58
CA LEU C 74 34.94 -12.99 -19.74
C LEU C 74 36.29 -12.35 -19.44
N ASN C 75 36.26 -11.04 -19.25
CA ASN C 75 37.42 -10.30 -18.73
C ASN C 75 36.91 -9.12 -17.90
N ALA C 76 37.84 -8.31 -17.39
CA ALA C 76 37.49 -7.20 -16.52
C ALA C 76 36.47 -6.26 -17.15
N PHE C 77 36.42 -6.24 -18.48
CA PHE C 77 35.57 -5.32 -19.20
C PHE C 77 34.08 -5.68 -19.14
N HIS C 78 33.79 -6.95 -18.92
CA HIS C 78 32.41 -7.44 -18.94
C HIS C 78 31.68 -7.26 -17.61
N ARG C 79 32.45 -7.03 -16.56
CA ARG C 79 31.88 -6.82 -15.22
C ARG C 79 30.93 -5.63 -15.21
N GLY C 80 29.96 -5.65 -14.31
CA GLY C 80 29.06 -4.53 -14.14
C GLY C 80 27.59 -4.90 -14.13
N VAL C 81 26.76 -3.91 -14.44
CA VAL C 81 25.31 -4.06 -14.39
C VAL C 81 24.72 -4.16 -15.80
N TYR C 82 24.11 -5.31 -16.10
CA TYR C 82 23.44 -5.50 -17.38
C TYR C 82 21.96 -5.12 -17.26
N LYS C 83 21.36 -4.78 -18.40
CA LYS C 83 19.94 -4.41 -18.42
C LYS C 83 19.32 -4.66 -19.79
N CYS C 84 18.28 -5.48 -19.81
CA CYS C 84 17.49 -5.71 -21.02
C CYS C 84 16.27 -4.80 -21.00
N ILE C 85 16.14 -3.97 -22.04
CA ILE C 85 15.03 -3.02 -22.13
C ILE C 85 14.08 -3.41 -23.26
N ALA C 86 12.81 -3.59 -22.92
CA ALA C 86 11.78 -3.95 -23.89
C ALA C 86 10.88 -2.76 -24.18
N THR C 87 10.65 -2.47 -25.45
CA THR C 87 9.87 -1.30 -25.86
C THR C 87 8.85 -1.64 -26.95
N ASN C 88 7.65 -1.09 -26.81
CA ASN C 88 6.62 -1.19 -27.83
C ASN C 88 5.86 0.14 -27.89
N PRO C 89 4.99 0.33 -28.90
CA PRO C 89 4.28 1.62 -28.97
C PRO C 89 3.37 1.93 -27.78
N ALA C 90 3.21 0.98 -26.85
CA ALA C 90 2.33 1.19 -25.70
C ALA C 90 3.11 1.63 -24.46
N GLY C 91 4.37 1.22 -24.37
CA GLY C 91 5.20 1.57 -23.23
C GLY C 91 6.56 0.90 -23.25
N THR C 92 7.24 0.93 -22.11
CA THR C 92 8.56 0.31 -21.98
C THR C 92 8.61 -0.61 -20.76
N SER C 93 9.65 -1.44 -20.70
CA SER C 93 9.90 -2.29 -19.54
C SER C 93 11.36 -2.69 -19.48
N GLU C 94 11.82 -3.11 -18.32
CA GLU C 94 13.21 -3.50 -18.14
C GLU C 94 13.43 -4.29 -16.87
N TYR C 95 14.43 -5.16 -16.89
CA TYR C 95 14.91 -5.84 -15.70
C TYR C 95 16.42 -5.68 -15.63
N VAL C 96 16.98 -5.91 -14.44
CA VAL C 96 18.40 -5.67 -14.20
C VAL C 96 19.08 -6.87 -13.53
N ALA C 97 20.33 -7.09 -13.89
CA ALA C 97 21.18 -8.07 -13.25
C ALA C 97 22.52 -7.45 -12.95
N GLU C 98 23.39 -8.19 -12.25
CA GLU C 98 24.72 -7.70 -11.90
C GLU C 98 25.70 -8.85 -11.87
N LEU C 99 26.84 -8.65 -12.54
CA LEU C 99 27.84 -9.70 -12.69
C LEU C 99 29.24 -9.15 -12.47
N GLN C 100 30.00 -9.81 -11.61
CA GLN C 100 31.36 -9.41 -11.29
C GLN C 100 32.34 -10.45 -11.82
N VAL C 101 33.59 -10.03 -12.03
CA VAL C 101 34.62 -10.91 -12.56
C VAL C 101 35.89 -10.84 -11.73
N VAL D 6 -11.35 20.43 -8.94
CA VAL D 6 -10.97 19.46 -7.87
C VAL D 6 -12.23 18.94 -7.17
N PRO D 7 -12.29 17.62 -6.91
CA PRO D 7 -13.48 17.08 -6.25
C PRO D 7 -13.60 17.57 -4.80
N PRO D 8 -14.79 17.40 -4.19
CA PRO D 8 -14.99 17.83 -2.81
C PRO D 8 -14.43 16.82 -1.82
N GLN D 9 -14.21 17.25 -0.59
CA GLN D 9 -13.78 16.35 0.47
C GLN D 9 -14.51 16.72 1.75
N VAL D 10 -15.41 15.86 2.20
CA VAL D 10 -16.17 16.10 3.42
C VAL D 10 -15.31 15.81 4.64
N LEU D 11 -15.27 16.75 5.57
CA LEU D 11 -14.43 16.60 6.74
C LEU D 11 -15.14 15.71 7.77
N PRO D 12 -14.36 14.96 8.57
CA PRO D 12 -14.96 14.08 9.57
C PRO D 12 -15.87 14.83 10.55
N PHE D 13 -17.13 14.42 10.63
CA PHE D 13 -18.06 15.00 11.60
C PHE D 13 -18.60 13.92 12.52
N SER D 14 -19.29 14.36 13.57
CA SER D 14 -19.83 13.45 14.56
C SER D 14 -20.87 14.15 15.41
N PHE D 15 -21.73 13.37 16.07
CA PHE D 15 -22.74 13.94 16.94
C PHE D 15 -22.18 14.25 18.32
N GLY D 16 -20.87 14.09 18.47
CA GLY D 16 -20.22 14.28 19.77
C GLY D 16 -20.50 13.12 20.70
N GLU D 17 -21.23 12.13 20.19
CA GLU D 17 -21.64 10.98 20.99
C GLU D 17 -22.19 9.89 20.10
N SER D 18 -21.97 8.63 20.48
CA SER D 18 -22.49 7.50 19.73
C SER D 18 -23.92 7.19 20.15
N ALA D 19 -24.29 7.62 21.35
CA ALA D 19 -25.63 7.41 21.89
C ALA D 19 -26.22 8.71 22.43
N ALA D 20 -27.54 8.83 22.29
CA ALA D 20 -28.26 9.98 22.83
C ALA D 20 -29.50 9.49 23.57
N ASP D 21 -30.27 10.42 24.12
CA ASP D 21 -31.50 10.08 24.84
C ASP D 21 -32.71 10.69 24.15
N VAL D 22 -33.89 10.14 24.45
CA VAL D 22 -35.13 10.65 23.90
C VAL D 22 -35.50 11.97 24.59
N GLY D 23 -35.95 12.93 23.80
CA GLY D 23 -36.31 14.24 24.31
C GLY D 23 -35.13 15.20 24.34
N ASP D 24 -33.95 14.69 24.05
CA ASP D 24 -32.73 15.50 24.05
C ASP D 24 -32.44 16.07 22.67
N ILE D 25 -31.50 17.01 22.63
CA ILE D 25 -31.11 17.66 21.39
C ILE D 25 -29.91 16.96 20.74
N ALA D 26 -29.80 17.08 19.42
CA ALA D 26 -28.67 16.53 18.68
C ALA D 26 -28.28 17.47 17.55
N SER D 27 -26.98 17.50 17.26
CA SER D 27 -26.47 18.36 16.20
C SER D 27 -25.30 17.72 15.47
N ALA D 28 -25.20 17.98 14.17
CA ALA D 28 -24.11 17.49 13.35
C ALA D 28 -23.78 18.50 12.26
N ASN D 29 -22.50 18.72 12.01
CA ASN D 29 -22.04 19.76 11.09
C ASN D 29 -21.26 19.19 9.92
N CYS D 30 -21.80 19.35 8.71
CA CYS D 30 -21.13 18.92 7.50
C CYS D 30 -20.37 20.08 6.87
N VAL D 31 -19.05 19.96 6.84
CA VAL D 31 -18.17 21.01 6.32
C VAL D 31 -17.43 20.51 5.09
N VAL D 32 -17.33 21.35 4.06
CA VAL D 32 -16.68 20.98 2.81
C VAL D 32 -15.75 22.09 2.33
N PRO D 33 -14.57 22.21 2.96
CA PRO D 33 -13.69 23.36 2.70
C PRO D 33 -13.12 23.36 1.27
N LYS D 34 -12.64 22.22 0.81
CA LYS D 34 -12.05 22.12 -0.52
C LYS D 34 -12.97 21.37 -1.48
N GLY D 35 -12.96 21.79 -2.74
CA GLY D 35 -13.85 21.26 -3.76
C GLY D 35 -14.44 22.40 -4.58
N ASP D 36 -14.37 22.28 -5.90
CA ASP D 36 -14.84 23.35 -6.77
C ASP D 36 -16.32 23.65 -6.56
N LEU D 37 -16.68 24.92 -6.73
CA LEU D 37 -18.07 25.35 -6.63
C LEU D 37 -18.74 25.28 -8.00
N PRO D 38 -20.09 25.21 -8.02
CA PRO D 38 -20.99 25.22 -6.87
C PRO D 38 -21.07 23.87 -6.15
N LEU D 39 -21.55 23.88 -4.92
CA LEU D 39 -21.69 22.67 -4.12
C LEU D 39 -23.13 22.41 -3.71
N GLU D 40 -23.50 21.13 -3.70
CA GLU D 40 -24.78 20.69 -3.16
C GLU D 40 -24.54 19.81 -1.93
N ILE D 41 -24.98 20.29 -0.78
CA ILE D 41 -24.80 19.54 0.47
C ILE D 41 -26.10 18.88 0.91
N ARG D 42 -26.09 17.55 0.90
CA ARG D 42 -27.27 16.75 1.21
C ARG D 42 -27.10 15.99 2.53
N TRP D 43 -28.24 15.74 3.18
CA TRP D 43 -28.27 14.88 4.37
C TRP D 43 -29.18 13.69 4.11
N SER D 44 -28.82 12.53 4.65
CA SER D 44 -29.59 11.31 4.47
C SER D 44 -29.52 10.42 5.71
N LEU D 45 -30.69 9.95 6.14
CA LEU D 45 -30.79 9.05 7.28
C LEU D 45 -31.23 7.66 6.82
N ASN D 46 -30.38 6.66 7.06
CA ASN D 46 -30.65 5.30 6.63
C ASN D 46 -30.93 5.24 5.13
N SER D 47 -30.06 5.88 4.37
CA SER D 47 -30.15 5.90 2.90
C SER D 47 -31.45 6.56 2.43
N ALA D 48 -32.04 7.40 3.27
CA ALA D 48 -33.23 8.15 2.91
C ALA D 48 -32.99 9.65 3.11
N PRO D 49 -33.36 10.48 2.11
CA PRO D 49 -33.17 11.94 2.24
C PRO D 49 -33.78 12.54 3.50
N ILE D 50 -33.24 13.67 3.92
CA ILE D 50 -33.76 14.43 5.06
C ILE D 50 -34.26 15.79 4.58
N VAL D 51 -35.55 16.02 4.76
CA VAL D 51 -36.17 17.28 4.34
C VAL D 51 -36.16 18.28 5.48
N ASN D 52 -35.75 19.51 5.17
CA ASN D 52 -35.75 20.59 6.13
C ASN D 52 -37.16 21.01 6.52
N GLY D 53 -37.42 20.98 7.82
CA GLY D 53 -38.69 21.42 8.37
C GLY D 53 -39.73 20.31 8.50
N GLU D 54 -39.26 19.06 8.46
CA GLU D 54 -40.16 17.91 8.57
C GLU D 54 -39.48 16.80 9.37
N ASN D 55 -40.29 15.99 10.05
CA ASN D 55 -39.81 14.87 10.86
C ASN D 55 -38.84 15.32 11.96
N GLY D 56 -39.05 16.52 12.48
CA GLY D 56 -38.29 17.02 13.61
C GLY D 56 -36.88 17.47 13.29
N PHE D 57 -36.55 17.53 12.00
CA PHE D 57 -35.21 17.91 11.54
C PHE D 57 -35.12 19.36 11.11
N THR D 58 -33.95 19.96 11.33
CA THR D 58 -33.68 21.32 10.89
C THR D 58 -32.35 21.35 10.17
N LEU D 59 -32.38 21.74 8.89
CA LEU D 59 -31.16 21.80 8.09
C LEU D 59 -30.84 23.24 7.72
N VAL D 60 -29.69 23.70 8.20
CA VAL D 60 -29.27 25.08 8.04
C VAL D 60 -27.93 25.13 7.30
N ARG D 61 -27.98 25.49 6.02
CA ARG D 61 -26.77 25.75 5.24
C ARG D 61 -26.33 27.18 5.52
N LEU D 62 -25.53 27.34 6.56
CA LEU D 62 -25.09 28.65 7.02
C LEU D 62 -24.04 29.23 6.08
N ASN D 63 -23.22 28.35 5.51
CA ASN D 63 -22.24 28.73 4.51
C ASN D 63 -22.39 27.86 3.27
N LYS D 64 -21.91 28.35 2.14
CA LYS D 64 -22.00 27.60 0.88
C LYS D 64 -21.16 26.33 0.91
N ARG D 65 -20.39 26.15 1.98
CA ARG D 65 -19.58 24.95 2.16
C ARG D 65 -19.85 24.31 3.53
N THR D 66 -20.99 24.66 4.13
CA THR D 66 -21.34 24.15 5.44
C THR D 66 -22.84 23.88 5.56
N SER D 67 -23.19 22.79 6.25
CA SER D 67 -24.58 22.45 6.53
C SER D 67 -24.69 21.77 7.89
N LEU D 68 -25.46 22.38 8.79
CA LEU D 68 -25.68 21.81 10.11
C LEU D 68 -27.06 21.15 10.17
N LEU D 69 -27.10 19.96 10.77
CA LEU D 69 -28.35 19.24 11.01
C LEU D 69 -28.66 19.29 12.49
N ASN D 70 -29.73 20.00 12.85
CA ASN D 70 -30.14 20.14 14.24
C ASN D 70 -31.46 19.43 14.51
N ILE D 71 -31.54 18.76 15.66
CA ILE D 71 -32.74 18.05 16.09
C ILE D 71 -33.14 18.54 17.46
N ASP D 72 -34.25 19.29 17.53
CA ASP D 72 -34.67 19.94 18.76
C ASP D 72 -35.14 18.97 19.84
N SER D 73 -35.67 17.82 19.42
CA SER D 73 -36.14 16.82 20.37
C SER D 73 -36.05 15.42 19.74
N LEU D 74 -35.21 14.57 20.32
CA LEU D 74 -34.95 13.26 19.77
C LEU D 74 -36.05 12.24 20.08
N ASN D 75 -36.15 11.24 19.21
CA ASN D 75 -37.08 10.13 19.40
C ASN D 75 -36.50 8.89 18.73
N ALA D 76 -37.29 7.81 18.67
CA ALA D 76 -36.81 6.56 18.10
C ALA D 76 -36.60 6.65 16.59
N PHE D 77 -37.29 7.59 15.94
CA PHE D 77 -37.23 7.69 14.49
C PHE D 77 -35.93 8.30 13.98
N HIS D 78 -35.18 8.95 14.87
CA HIS D 78 -33.98 9.67 14.49
C HIS D 78 -32.75 8.76 14.48
N ARG D 79 -32.84 7.62 15.14
CA ARG D 79 -31.72 6.67 15.21
C ARG D 79 -31.34 6.15 13.82
N GLY D 80 -30.07 5.81 13.66
CA GLY D 80 -29.60 5.19 12.42
C GLY D 80 -28.33 5.82 11.87
N VAL D 81 -28.05 5.50 10.62
CA VAL D 81 -26.85 5.98 9.93
C VAL D 81 -27.09 7.35 9.31
N TYR D 82 -26.37 8.36 9.82
CA TYR D 82 -26.41 9.70 9.25
C TYR D 82 -25.27 9.89 8.27
N LYS D 83 -25.60 10.46 7.11
CA LYS D 83 -24.61 10.65 6.05
C LYS D 83 -24.79 12.03 5.40
N CYS D 84 -23.69 12.78 5.31
CA CYS D 84 -23.69 14.08 4.67
C CYS D 84 -22.90 14.01 3.36
N ILE D 85 -23.60 14.23 2.24
CA ILE D 85 -23.00 14.11 0.92
C ILE D 85 -22.78 15.47 0.27
N ALA D 86 -21.62 15.63 -0.36
CA ALA D 86 -21.28 16.84 -1.11
C ALA D 86 -21.10 16.48 -2.58
N THR D 87 -21.54 17.36 -3.47
CA THR D 87 -21.50 17.11 -4.90
C THR D 87 -21.14 18.36 -5.71
N ASN D 88 -20.30 18.16 -6.73
CA ASN D 88 -19.98 19.21 -7.69
C ASN D 88 -19.80 18.56 -9.07
N PRO D 89 -19.74 19.38 -10.14
CA PRO D 89 -19.58 18.78 -11.47
C PRO D 89 -18.30 17.95 -11.65
N ALA D 90 -17.40 17.97 -10.68
CA ALA D 90 -16.17 17.19 -10.74
C ALA D 90 -16.32 15.84 -10.06
N GLY D 91 -17.24 15.74 -9.10
CA GLY D 91 -17.46 14.49 -8.39
C GLY D 91 -18.29 14.65 -7.14
N THR D 92 -18.18 13.67 -6.23
CA THR D 92 -18.94 13.66 -4.99
C THR D 92 -18.07 13.27 -3.80
N SER D 93 -18.57 13.55 -2.59
CA SER D 93 -17.90 13.16 -1.36
C SER D 93 -18.92 12.99 -0.25
N GLU D 94 -18.68 12.04 0.64
CA GLU D 94 -19.61 11.76 1.73
C GLU D 94 -18.89 11.29 2.98
N TYR D 95 -19.49 11.57 4.14
CA TYR D 95 -18.99 11.06 5.41
C TYR D 95 -20.15 10.61 6.27
N VAL D 96 -19.90 9.63 7.14
CA VAL D 96 -20.96 8.99 7.91
C VAL D 96 -20.73 9.09 9.42
N ALA D 97 -21.82 9.35 10.15
CA ALA D 97 -21.84 9.27 11.59
C ALA D 97 -23.08 8.49 12.03
N GLU D 98 -22.94 7.66 13.05
CA GLU D 98 -24.05 6.82 13.51
C GLU D 98 -24.53 7.26 14.88
N LEU D 99 -25.84 7.49 14.99
CA LEU D 99 -26.46 8.03 16.19
C LEU D 99 -27.51 7.08 16.75
N GLN D 100 -27.39 6.74 18.03
CA GLN D 100 -28.32 5.85 18.70
C GLN D 100 -29.14 6.59 19.75
N VAL D 101 -30.37 6.12 19.97
CA VAL D 101 -31.22 6.67 21.03
C VAL D 101 -31.75 5.56 21.93
#